data_8TBR
#
_entry.id   8TBR
#
_cell.length_a   28.606
_cell.length_b   66.332
_cell.length_c   43.973
_cell.angle_alpha   90.00
_cell.angle_beta   91.16
_cell.angle_gamma   90.00
#
_symmetry.space_group_name_H-M   'P 1 21 1'
#
loop_
_entity.id
_entity.type
_entity.pdbx_description
1 polymer 'Dihydrofolate reductase'
2 non-polymer 'NADP NICOTINAMIDE-ADENINE-DINUCLEOTIDE PHOSPHATE'
3 non-polymer '3-(2-{3-[(2,4-diamino-6-phenylpyrimidin-5-yl)oxy]propoxy}phenyl)propanoic acid'
4 water water
#
_entity_poly.entity_id   1
_entity_poly.type   'polypeptide(L)'
_entity_poly.pdbx_seq_one_letter_code
;MAHHHHHHMTSVGLIWAQSTSGVIGRDGGIPWRLPEDLAHFKRLTMGHTVVMGRRTWDSLPAAHRPLPGRRNVVVTRQTG
LVAHGAQVVGSLEQALSPAEPDAATWVIGGAQIYALALPLANRCEVTEVDVDLPPEDEDALAPVLDQTWAGTSGEWLVSR
SGLRYRMHSYRRL
;
_entity_poly.pdbx_strand_id   A
#
loop_
_chem_comp.id
_chem_comp.type
_chem_comp.name
_chem_comp.formula
HIJ non-polymer '3-(2-{3-[(2,4-diamino-6-phenylpyrimidin-5-yl)oxy]propoxy}phenyl)propanoic acid' 'C22 H24 N4 O4'
NAP non-polymer 'NADP NICOTINAMIDE-ADENINE-DINUCLEOTIDE PHOSPHATE' 'C21 H28 N7 O17 P3'
#
# COMPACT_ATOMS: atom_id res chain seq x y z
N SER A 11 8.98 -9.94 9.28
CA SER A 11 9.38 -9.01 8.24
C SER A 11 8.21 -8.17 7.74
N VAL A 12 8.31 -6.84 7.95
CA VAL A 12 7.26 -5.89 7.62
C VAL A 12 7.68 -5.10 6.39
N GLY A 13 6.86 -5.18 5.36
CA GLY A 13 7.06 -4.41 4.16
C GLY A 13 5.91 -3.45 3.89
N LEU A 14 6.24 -2.35 3.26
CA LEU A 14 5.25 -1.43 2.73
C LEU A 14 5.18 -1.61 1.22
N ILE A 15 3.99 -1.45 0.67
CA ILE A 15 3.81 -1.58 -0.76
C ILE A 15 2.81 -0.51 -1.17
N TRP A 16 3.18 0.29 -2.17
CA TRP A 16 2.30 1.34 -2.67
C TRP A 16 2.64 1.65 -4.11
N ALA A 17 1.69 2.32 -4.76
CA ALA A 17 1.85 2.91 -6.09
C ALA A 17 1.67 4.41 -5.99
N GLN A 18 2.58 5.17 -6.63
CA GLN A 18 2.51 6.62 -6.60
C GLN A 18 2.75 7.18 -7.97
N SER A 19 2.15 8.32 -8.24
CA SER A 19 2.58 9.11 -9.37
C SER A 19 3.96 9.65 -9.09
N THR A 20 4.59 10.16 -10.15
CA THR A 20 5.90 10.78 -9.96
C THR A 20 5.82 11.93 -8.95
N SER A 21 4.70 12.66 -8.92
CA SER A 21 4.54 13.78 -8.00
C SER A 21 4.30 13.35 -6.57
N GLY A 22 4.06 12.07 -6.33
CA GLY A 22 3.87 11.55 -4.99
C GLY A 22 2.43 11.37 -4.54
N VAL A 23 1.46 11.44 -5.44
CA VAL A 23 0.07 11.19 -5.09
C VAL A 23 -0.18 9.69 -5.06
N ILE A 24 -0.91 9.23 -4.04
CA ILE A 24 -1.39 7.86 -4.00
C ILE A 24 -2.90 7.76 -4.01
N GLY A 25 -3.63 8.79 -3.60
CA GLY A 25 -5.07 8.69 -3.47
C GLY A 25 -5.73 10.03 -3.65
N ARG A 26 -6.96 9.98 -4.15
CA ARG A 26 -7.77 11.15 -4.41
C ARG A 26 -9.23 10.73 -4.50
N ASP A 27 -10.10 11.51 -3.85
CA ASP A 27 -11.55 11.28 -3.89
C ASP A 27 -11.90 9.86 -3.45
N GLY A 28 -11.17 9.35 -2.46
CA GLY A 28 -11.49 8.06 -1.90
C GLY A 28 -11.10 6.89 -2.76
N GLY A 29 -10.28 7.12 -3.78
CA GLY A 29 -9.78 6.06 -4.62
C GLY A 29 -8.41 6.38 -5.16
N ILE A 30 -8.05 5.76 -6.29
CA ILE A 30 -6.71 5.87 -6.83
C ILE A 30 -6.84 6.52 -8.20
N PRO A 31 -6.17 7.66 -8.47
CA PRO A 31 -6.52 8.48 -9.63
C PRO A 31 -5.81 8.10 -10.92
N TRP A 32 -5.65 6.81 -11.17
CA TRP A 32 -5.19 6.33 -12.46
C TRP A 32 -5.61 4.87 -12.56
N ARG A 33 -5.48 4.29 -13.73
CA ARG A 33 -5.75 2.87 -13.92
CA ARG A 33 -5.75 2.87 -13.94
C ARG A 33 -4.49 2.21 -14.48
N LEU A 34 -3.93 1.28 -13.70
CA LEU A 34 -2.69 0.60 -14.09
C LEU A 34 -2.82 -0.89 -13.76
N PRO A 35 -3.40 -1.67 -14.68
CA PRO A 35 -3.68 -3.07 -14.38
C PRO A 35 -2.43 -3.87 -14.02
N GLU A 36 -1.30 -3.54 -14.63
CA GLU A 36 -0.05 -4.24 -14.33
C GLU A 36 0.36 -4.04 -12.87
N ASP A 37 0.00 -2.91 -12.28
CA ASP A 37 0.33 -2.67 -10.88
C ASP A 37 -0.61 -3.41 -9.93
N LEU A 38 -1.89 -3.45 -10.25
CA LEU A 38 -2.81 -4.29 -9.46
C LEU A 38 -2.34 -5.75 -9.47
N ALA A 39 -1.91 -6.24 -10.64
CA ALA A 39 -1.39 -7.61 -10.72
C ALA A 39 -0.13 -7.78 -9.87
N HIS A 40 0.78 -6.80 -9.93
CA HIS A 40 1.97 -6.81 -9.09
C HIS A 40 1.58 -6.91 -7.61
N PHE A 41 0.61 -6.09 -7.22
CA PHE A 41 0.19 -6.06 -5.83
C PHE A 41 -0.40 -7.40 -5.41
N LYS A 42 -1.26 -7.96 -6.26
CA LYS A 42 -1.83 -9.26 -5.98
C LYS A 42 -0.76 -10.34 -5.87
N ARG A 43 0.19 -10.34 -6.80
N ARG A 43 0.22 -10.32 -6.77
CA ARG A 43 1.24 -11.36 -6.78
CA ARG A 43 1.21 -11.40 -6.75
C ARG A 43 2.03 -11.31 -5.48
C ARG A 43 2.12 -11.32 -5.54
N LEU A 44 2.46 -10.11 -5.09
CA LEU A 44 3.34 -9.98 -3.94
C LEU A 44 2.61 -10.28 -2.65
N THR A 45 1.31 -9.98 -2.56
CA THR A 45 0.63 -10.11 -1.28
C THR A 45 -0.16 -11.40 -1.11
N MET A 46 -0.48 -12.11 -2.18
CA MET A 46 -1.28 -13.31 -2.03
C MET A 46 -0.68 -14.26 -1.01
N GLY A 47 -1.53 -14.80 -0.14
CA GLY A 47 -1.16 -15.75 0.88
C GLY A 47 -0.62 -15.15 2.15
N HIS A 48 -0.53 -13.82 2.24
CA HIS A 48 0.08 -13.12 3.35
C HIS A 48 -0.93 -12.20 4.03
N THR A 49 -0.45 -11.61 5.12
CA THR A 49 -1.20 -10.62 5.88
C THR A 49 -1.08 -9.24 5.22
N VAL A 50 -2.22 -8.56 5.07
CA VAL A 50 -2.24 -7.20 4.57
C VAL A 50 -2.86 -6.30 5.64
N VAL A 51 -2.10 -5.28 6.04
CA VAL A 51 -2.50 -4.32 7.08
C VAL A 51 -2.85 -2.99 6.41
N MET A 52 -4.03 -2.46 6.71
CA MET A 52 -4.48 -1.24 6.05
C MET A 52 -5.20 -0.33 7.04
N GLY A 53 -5.21 0.96 6.72
CA GLY A 53 -6.03 1.89 7.46
C GLY A 53 -7.49 1.70 7.13
N ARG A 54 -8.35 2.22 8.00
CA ARG A 54 -9.78 2.06 7.80
C ARG A 54 -10.25 2.74 6.52
N ARG A 55 -9.67 3.90 6.17
CA ARG A 55 -10.10 4.57 4.94
C ARG A 55 -9.74 3.75 3.70
N THR A 56 -8.60 3.06 3.71
CA THR A 56 -8.28 2.15 2.61
C THR A 56 -9.25 0.96 2.56
N TRP A 57 -9.63 0.41 3.72
CA TRP A 57 -10.67 -0.63 3.74
C TRP A 57 -11.96 -0.15 3.09
N ASP A 58 -12.38 1.08 3.42
CA ASP A 58 -13.62 1.59 2.84
C ASP A 58 -13.48 1.81 1.35
N SER A 59 -12.25 1.90 0.84
CA SER A 59 -12.00 2.19 -0.56
C SER A 59 -12.00 0.95 -1.41
N LEU A 60 -11.94 -0.21 -0.80
CA LEU A 60 -11.85 -1.45 -1.60
C LEU A 60 -13.16 -1.72 -2.31
N PRO A 61 -13.14 -1.96 -3.62
CA PRO A 61 -14.38 -2.31 -4.32
C PRO A 61 -14.93 -3.65 -3.88
N ALA A 62 -16.23 -3.83 -4.16
CA ALA A 62 -16.98 -4.92 -3.54
C ALA A 62 -16.30 -6.27 -3.69
N ALA A 63 -15.85 -6.60 -4.91
CA ALA A 63 -15.24 -7.90 -5.16
C ALA A 63 -13.87 -8.02 -4.52
N HIS A 64 -13.38 -6.97 -3.88
CA HIS A 64 -12.06 -6.95 -3.28
C HIS A 64 -12.09 -6.60 -1.80
N ARG A 65 -13.26 -6.72 -1.14
CA ARG A 65 -13.43 -6.27 0.24
C ARG A 65 -14.16 -7.39 0.97
N PRO A 66 -13.42 -8.33 1.60
CA PRO A 66 -11.96 -8.35 1.86
C PRO A 66 -11.13 -8.78 0.66
N LEU A 67 -9.84 -8.44 0.68
CA LEU A 67 -8.92 -8.88 -0.34
C LEU A 67 -8.83 -10.39 -0.31
N PRO A 68 -9.20 -11.09 -1.38
CA PRO A 68 -9.25 -12.55 -1.32
C PRO A 68 -7.87 -13.16 -1.19
N GLY A 69 -7.78 -14.18 -0.34
CA GLY A 69 -6.59 -15.00 -0.24
C GLY A 69 -5.53 -14.44 0.66
N ARG A 70 -5.89 -13.46 1.49
CA ARG A 70 -4.97 -12.72 2.33
C ARG A 70 -5.67 -12.45 3.66
N ARG A 71 -4.89 -12.37 4.73
CA ARG A 71 -5.43 -12.06 6.04
C ARG A 71 -5.53 -10.54 6.11
N ASN A 72 -6.76 -10.04 6.08
CA ASN A 72 -7.02 -8.60 6.06
C ASN A 72 -7.07 -8.08 7.49
N VAL A 73 -6.27 -7.05 7.77
CA VAL A 73 -6.21 -6.45 9.10
C VAL A 73 -6.45 -4.96 8.94
N VAL A 74 -7.43 -4.43 9.67
CA VAL A 74 -7.89 -3.05 9.50
C VAL A 74 -7.61 -2.28 10.78
N VAL A 75 -6.90 -1.16 10.64
CA VAL A 75 -6.52 -0.32 11.77
C VAL A 75 -7.53 0.82 11.89
N THR A 76 -8.16 0.95 13.06
CA THR A 76 -9.15 1.98 13.31
C THR A 76 -9.11 2.33 14.80
N ARG A 77 -9.53 3.55 15.13
CA ARG A 77 -9.84 3.85 16.52
C ARG A 77 -11.27 3.53 16.90
N GLN A 78 -12.10 3.09 15.95
CA GLN A 78 -13.50 2.79 16.24
CA GLN A 78 -13.50 2.78 16.24
C GLN A 78 -13.59 1.34 16.71
N THR A 79 -13.58 1.15 18.02
CA THR A 79 -13.50 -0.20 18.55
C THR A 79 -14.61 -1.10 18.01
N GLY A 80 -15.82 -0.55 17.85
CA GLY A 80 -16.97 -1.31 17.40
C GLY A 80 -17.12 -1.50 15.91
N LEU A 81 -16.10 -1.19 15.13
CA LEU A 81 -16.27 -1.19 13.69
C LEU A 81 -16.67 -2.57 13.18
N VAL A 82 -17.62 -2.59 12.25
CA VAL A 82 -18.05 -3.79 11.54
C VAL A 82 -17.25 -3.86 10.25
N ALA A 83 -16.32 -4.82 10.17
CA ALA A 83 -15.50 -5.03 8.96
C ALA A 83 -15.51 -6.52 8.60
N HIS A 84 -16.59 -6.96 7.98
CA HIS A 84 -16.74 -8.38 7.65
C HIS A 84 -15.63 -8.87 6.73
N GLY A 85 -14.95 -9.93 7.15
CA GLY A 85 -13.90 -10.51 6.35
C GLY A 85 -12.53 -10.04 6.72
N ALA A 86 -12.43 -9.15 7.70
CA ALA A 86 -11.18 -8.59 8.17
C ALA A 86 -11.12 -8.64 9.71
N GLN A 87 -9.89 -8.59 10.22
CA GLN A 87 -9.62 -8.46 11.64
C GLN A 87 -9.45 -6.99 11.99
N VAL A 88 -10.24 -6.48 12.93
CA VAL A 88 -10.16 -5.09 13.34
C VAL A 88 -9.18 -4.99 14.52
N VAL A 89 -8.19 -4.10 14.42
CA VAL A 89 -7.31 -3.80 15.55
C VAL A 89 -7.29 -2.29 15.79
N GLY A 90 -6.77 -1.90 16.93
CA GLY A 90 -6.85 -0.53 17.37
C GLY A 90 -5.60 0.30 17.20
N SER A 91 -4.56 -0.26 16.60
CA SER A 91 -3.29 0.44 16.43
C SER A 91 -2.44 -0.34 15.43
N LEU A 92 -1.48 0.35 14.83
CA LEU A 92 -0.54 -0.34 13.95
C LEU A 92 0.25 -1.38 14.72
N GLU A 93 0.69 -1.04 15.93
CA GLU A 93 1.46 -2.00 16.71
C GLU A 93 0.66 -3.28 16.97
N GLN A 94 -0.64 -3.14 17.24
CA GLN A 94 -1.47 -4.32 17.35
C GLN A 94 -1.46 -5.12 16.05
N ALA A 95 -1.57 -4.42 14.92
CA ALA A 95 -1.59 -5.12 13.64
C ALA A 95 -0.32 -5.90 13.43
N LEU A 96 0.80 -5.41 13.95
CA LEU A 96 2.09 -6.05 13.75
C LEU A 96 2.48 -6.99 14.89
N SER A 97 1.56 -7.28 15.80
CA SER A 97 1.76 -8.22 16.91
CA SER A 97 1.78 -8.24 16.89
C SER A 97 0.65 -9.27 16.86
N PRO A 98 0.56 -10.02 15.76
CA PRO A 98 -0.52 -11.00 15.61
C PRO A 98 -0.37 -12.14 16.61
N ALA A 99 -1.51 -12.68 17.00
CA ALA A 99 -1.50 -13.91 17.79
C ALA A 99 -1.01 -15.09 16.96
N GLU A 100 -1.16 -15.03 15.64
CA GLU A 100 -0.73 -16.09 14.73
C GLU A 100 0.27 -15.46 13.75
N PRO A 101 1.57 -15.68 13.95
CA PRO A 101 2.57 -15.00 13.10
C PRO A 101 2.45 -15.34 11.62
N ASP A 102 2.86 -14.39 10.79
CA ASP A 102 2.99 -14.54 9.35
C ASP A 102 4.43 -14.24 8.95
N ALA A 103 4.96 -15.07 8.05
CA ALA A 103 6.31 -14.82 7.53
C ALA A 103 6.42 -13.45 6.89
N ALA A 104 5.35 -12.99 6.26
CA ALA A 104 5.38 -11.76 5.48
C ALA A 104 4.15 -10.98 5.83
N THR A 105 4.36 -9.78 6.33
CA THR A 105 3.30 -8.84 6.60
C THR A 105 3.53 -7.62 5.74
N TRP A 106 2.50 -7.23 5.00
CA TRP A 106 2.53 -6.07 4.13
C TRP A 106 1.57 -5.01 4.64
N VAL A 107 2.08 -3.79 4.75
CA VAL A 107 1.25 -2.62 4.99
C VAL A 107 0.87 -2.05 3.63
N ILE A 108 -0.43 -1.97 3.34
CA ILE A 108 -0.93 -1.72 1.98
C ILE A 108 -1.64 -0.37 1.86
N GLY A 109 -1.54 0.48 2.88
CA GLY A 109 -2.03 1.83 2.82
C GLY A 109 -2.98 2.13 3.96
N GLY A 110 -3.34 3.40 4.08
CA GLY A 110 -2.99 4.45 3.15
C GLY A 110 -1.94 5.38 3.71
N ALA A 111 -2.06 6.63 3.31
CA ALA A 111 -1.03 7.61 3.67
C ALA A 111 -0.83 7.70 5.17
N GLN A 112 -1.94 7.74 5.95
CA GLN A 112 -1.78 7.80 7.40
C GLN A 112 -1.03 6.58 7.92
N ILE A 113 -1.41 5.39 7.47
CA ILE A 113 -0.79 4.18 8.02
C ILE A 113 0.65 4.04 7.54
N TYR A 114 0.94 4.45 6.31
CA TYR A 114 2.32 4.32 5.85
C TYR A 114 3.28 5.11 6.74
N ALA A 115 2.87 6.30 7.19
CA ALA A 115 3.76 7.13 7.98
C ALA A 115 4.06 6.50 9.34
N LEU A 116 3.07 5.80 9.90
CA LEU A 116 3.25 5.10 11.14
C LEU A 116 4.10 3.86 10.95
N ALA A 117 3.98 3.20 9.80
CA ALA A 117 4.63 1.91 9.60
C ALA A 117 6.07 2.04 9.14
N LEU A 118 6.40 3.12 8.45
CA LEU A 118 7.72 3.21 7.83
C LEU A 118 8.86 2.97 8.82
N PRO A 119 8.84 3.51 10.04
CA PRO A 119 9.96 3.28 10.98
C PRO A 119 10.05 1.85 11.44
N LEU A 120 8.99 1.07 11.25
CA LEU A 120 8.96 -0.32 11.68
C LEU A 120 9.25 -1.29 10.55
N ALA A 121 9.47 -0.79 9.34
CA ALA A 121 9.51 -1.63 8.16
C ALA A 121 10.95 -1.84 7.73
N ASN A 122 11.18 -2.94 7.02
CA ASN A 122 12.50 -3.21 6.46
C ASN A 122 12.50 -3.26 4.94
N ARG A 123 11.35 -3.12 4.31
CA ARG A 123 11.23 -3.24 2.86
C ARG A 123 10.11 -2.35 2.36
N CYS A 124 10.33 -1.70 1.21
CA CYS A 124 9.29 -0.98 0.51
C CYS A 124 9.28 -1.38 -0.96
N GLU A 125 8.11 -1.73 -1.47
CA GLU A 125 7.93 -2.11 -2.86
C GLU A 125 7.05 -1.04 -3.50
N VAL A 126 7.65 -0.21 -4.34
CA VAL A 126 7.03 1.01 -4.82
C VAL A 126 6.83 0.91 -6.32
N THR A 127 5.61 1.18 -6.77
CA THR A 127 5.35 1.38 -8.19
C THR A 127 5.31 2.86 -8.46
N GLU A 128 6.09 3.29 -9.44
CA GLU A 128 6.10 4.67 -9.90
CA GLU A 128 6.10 4.67 -9.91
C GLU A 128 5.30 4.76 -11.20
N VAL A 129 4.35 5.70 -11.24
CA VAL A 129 3.42 5.83 -12.35
C VAL A 129 3.68 7.17 -13.00
N ASP A 130 4.09 7.16 -14.26
CA ASP A 130 4.35 8.39 -14.99
CA ASP A 130 4.36 8.37 -15.02
C ASP A 130 3.02 8.95 -15.47
N VAL A 131 2.34 9.58 -14.54
CA VAL A 131 1.09 10.27 -14.82
C VAL A 131 1.20 11.66 -14.21
N ASP A 132 0.82 12.68 -14.98
CA ASP A 132 0.94 14.06 -14.49
C ASP A 132 -0.26 14.36 -13.61
N LEU A 133 -0.02 14.41 -12.31
CA LEU A 133 -1.07 14.67 -11.32
C LEU A 133 -0.58 15.74 -10.38
N PRO A 134 -0.71 17.01 -10.75
CA PRO A 134 -0.41 18.08 -9.81
C PRO A 134 -1.23 17.87 -8.56
N PRO A 135 -0.64 17.96 -7.38
CA PRO A 135 -1.38 17.58 -6.16
C PRO A 135 -2.56 18.49 -5.90
N GLU A 136 -3.58 17.90 -5.30
CA GLU A 136 -4.78 18.64 -4.92
CA GLU A 136 -4.85 18.54 -4.94
C GLU A 136 -4.96 18.52 -3.42
N ASP A 137 -5.74 19.45 -2.85
CA ASP A 137 -5.64 19.71 -1.42
C ASP A 137 -5.98 18.48 -0.56
N GLU A 138 -6.89 17.62 -0.99
CA GLU A 138 -7.29 16.48 -0.17
C GLU A 138 -6.57 15.19 -0.57
N ASP A 139 -5.57 15.26 -1.44
CA ASP A 139 -4.90 14.04 -1.88
C ASP A 139 -4.21 13.34 -0.72
N ALA A 140 -4.18 12.00 -0.79
CA ALA A 140 -3.25 11.23 0.03
C ALA A 140 -1.94 11.10 -0.73
N LEU A 141 -0.84 11.31 -0.02
CA LEU A 141 0.50 11.39 -0.59
C LEU A 141 1.38 10.25 -0.10
N ALA A 142 2.38 9.93 -0.92
CA ALA A 142 3.25 8.82 -0.61
C ALA A 142 4.21 9.21 0.51
N PRO A 143 4.70 8.24 1.26
CA PRO A 143 5.78 8.53 2.22
C PRO A 143 7.05 8.83 1.45
N VAL A 144 7.98 9.49 2.13
CA VAL A 144 9.28 9.80 1.57
C VAL A 144 10.32 8.91 2.24
N LEU A 145 11.19 8.33 1.42
CA LEU A 145 12.24 7.44 1.89
C LEU A 145 13.51 8.27 2.07
N ASP A 146 14.09 8.19 3.25
CA ASP A 146 15.27 8.96 3.55
C ASP A 146 16.51 8.08 3.40
N GLN A 147 17.65 8.60 3.87
CA GLN A 147 18.94 7.96 3.68
C GLN A 147 19.09 6.65 4.43
N THR A 148 18.12 6.27 5.26
CA THR A 148 18.15 4.96 5.89
C THR A 148 17.66 3.87 4.95
N TRP A 149 17.13 4.25 3.78
CA TRP A 149 16.66 3.34 2.77
C TRP A 149 17.55 3.41 1.53
N ALA A 150 17.71 2.25 0.89
CA ALA A 150 18.41 2.18 -0.39
C ALA A 150 17.61 1.25 -1.29
N GLY A 151 17.66 1.53 -2.60
CA GLY A 151 16.76 0.87 -3.52
C GLY A 151 17.42 0.52 -4.84
N THR A 152 16.67 -0.31 -5.57
CA THR A 152 16.97 -0.69 -6.94
CA THR A 152 16.95 -0.73 -6.94
C THR A 152 15.71 -0.47 -7.77
N SER A 153 15.90 -0.04 -9.01
CA SER A 153 14.79 0.32 -9.89
C SER A 153 14.73 -0.62 -11.08
N GLY A 154 13.52 -1.08 -11.40
CA GLY A 154 13.30 -1.74 -12.66
C GLY A 154 13.29 -0.73 -13.79
N GLU A 155 13.33 -1.27 -15.00
CA GLU A 155 13.27 -0.40 -16.16
C GLU A 155 11.90 0.24 -16.30
N TRP A 156 11.87 1.42 -16.90
CA TRP A 156 10.61 2.04 -17.27
C TRP A 156 9.87 1.15 -18.27
N LEU A 157 8.65 0.79 -17.92
CA LEU A 157 7.78 -0.04 -18.73
C LEU A 157 6.55 0.76 -19.16
N VAL A 158 5.85 0.27 -20.18
CA VAL A 158 4.62 0.88 -20.66
C VAL A 158 3.48 -0.11 -20.49
N SER A 159 2.42 0.34 -19.83
CA SER A 159 1.24 -0.48 -19.65
C SER A 159 0.50 -0.67 -20.97
N ARG A 160 -0.20 -1.81 -21.07
CA ARG A 160 -1.13 -2.06 -22.15
C ARG A 160 -2.19 -0.98 -22.24
N SER A 161 -2.46 -0.30 -21.14
CA SER A 161 -3.42 0.78 -21.13
C SER A 161 -2.85 2.14 -21.48
N GLY A 162 -1.54 2.31 -21.39
CA GLY A 162 -0.90 3.47 -21.96
C GLY A 162 0.11 4.15 -21.04
N LEU A 163 -0.04 3.98 -19.72
CA LEU A 163 0.81 4.70 -18.77
C LEU A 163 2.20 4.09 -18.69
N ARG A 164 3.22 4.95 -18.62
CA ARG A 164 4.56 4.51 -18.25
C ARG A 164 4.60 4.23 -16.74
N TYR A 165 5.35 3.20 -16.33
CA TYR A 165 5.47 2.85 -14.92
C TYR A 165 6.76 2.07 -14.71
N ARG A 166 7.20 2.00 -13.45
CA ARG A 166 8.32 1.12 -13.14
C ARG A 166 8.32 0.81 -11.66
N MET A 167 8.96 -0.29 -11.32
CA MET A 167 8.90 -0.84 -9.97
C MET A 167 10.25 -0.59 -9.29
N HIS A 168 10.20 -0.10 -8.07
CA HIS A 168 11.36 0.11 -7.23
C HIS A 168 11.27 -0.79 -6.03
N SER A 169 12.39 -1.35 -5.60
CA SER A 169 12.45 -2.19 -4.42
CA SER A 169 12.45 -2.17 -4.40
C SER A 169 13.48 -1.58 -3.46
N TYR A 170 13.01 -1.16 -2.29
CA TYR A 170 13.88 -0.57 -1.28
C TYR A 170 14.01 -1.50 -0.08
N ARG A 171 15.18 -1.46 0.53
CA ARG A 171 15.41 -2.15 1.78
C ARG A 171 16.14 -1.25 2.76
N ARG A 172 15.85 -1.44 4.04
CA ARG A 172 16.51 -0.68 5.09
C ARG A 172 17.98 -1.06 5.12
N LEU A 173 18.83 -0.04 5.15
CA LEU A 173 20.26 -0.24 5.24
C LEU A 173 20.68 -0.71 6.61
PA NAP B . -5.69 5.37 5.61
O1A NAP B . -4.30 5.53 6.12
O2A NAP B . -6.14 4.22 4.70
O5B NAP B . -6.75 5.30 6.87
C5B NAP B . -6.75 6.28 7.89
C4B NAP B . -7.55 5.74 9.07
O4B NAP B . -6.76 4.81 9.80
C3B NAP B . -8.03 6.79 10.09
O3B NAP B . -9.19 7.50 9.68
C2B NAP B . -8.21 5.85 11.31
O2B NAP B . -9.36 5.13 11.09
C1B NAP B . -7.03 4.88 11.17
N9A NAP B . -5.87 5.30 11.91
C8A NAP B . -4.90 6.18 11.56
N7A NAP B . -3.99 6.31 12.49
C5A NAP B . -4.36 5.48 13.49
C6A NAP B . -3.83 5.18 14.76
N6A NAP B . -2.69 5.70 15.23
N1A NAP B . -4.47 4.31 15.52
C2A NAP B . -5.59 3.77 15.05
N3A NAP B . -6.20 3.97 13.90
C4A NAP B . -5.55 4.86 13.15
O3 NAP B . -6.27 6.75 4.98
PN NAP B . -5.65 7.78 3.88
O1N NAP B . -4.33 8.28 4.35
O2N NAP B . -6.77 8.73 3.60
O5D NAP B . -5.45 6.81 2.60
C5D NAP B . -6.55 6.45 1.78
C4D NAP B . -6.36 6.89 0.33
O4D NAP B . -5.20 6.26 -0.24
C3D NAP B . -7.50 6.52 -0.58
O3D NAP B . -7.54 7.47 -1.60
C2D NAP B . -7.04 5.19 -1.19
O2D NAP B . -7.66 4.97 -2.39
C1D NAP B . -5.55 5.49 -1.34
N1N NAP B . -4.61 4.35 -1.38
C2N NAP B . -3.67 4.31 -2.33
C3N NAP B . -2.77 3.26 -2.40
C7N NAP B . -1.72 3.21 -3.48
O7N NAP B . -0.81 2.41 -3.40
N7N NAP B . -1.90 4.07 -4.49
C4N NAP B . -2.81 2.28 -1.41
C5N NAP B . -3.78 2.38 -0.40
C6N NAP B . -4.67 3.44 -0.40
P2B NAP B . -10.76 5.61 11.94
O1X NAP B . -11.13 6.93 11.33
O2X NAP B . -11.72 4.49 11.62
O3X NAP B . -10.39 5.70 13.42
C1 HIJ C . -6.67 -7.23 -4.99
C10 HIJ C . -6.20 -1.13 -2.77
C11 HIJ C . -5.11 -1.43 -1.77
C12 HIJ C . -3.82 -1.91 -2.41
C13 HIJ C . -2.08 -0.91 -3.77
C14 HIJ C . -0.84 -1.02 -3.05
C15 HIJ C . 0.28 -1.16 -5.03
C16 HIJ C . -2.01 -0.93 -5.16
C17 HIJ C . -3.18 -0.80 -6.09
C18 HIJ C . -4.20 -1.73 -6.12
C19 HIJ C . -5.26 -1.58 -7.02
C2 HIJ C . -7.19 -5.93 -5.59
C20 HIJ C . -5.30 -0.52 -7.88
C21 HIJ C . -4.28 0.42 -7.86
C22 HIJ C . -3.23 0.27 -6.98
C3 HIJ C . -7.05 -4.78 -4.63
C4 HIJ C . -7.69 -3.50 -5.13
C5 HIJ C . -8.56 -3.49 -6.22
C6 HIJ C . -9.15 -2.32 -6.65
C7 HIJ C . -8.88 -1.13 -6.00
C8 HIJ C . -8.01 -1.11 -4.93
C9 HIJ C . -7.43 -2.28 -4.48
N1 HIJ C . -0.80 -0.99 -1.69
N2 HIJ C . 0.31 -1.15 -3.69
N3 HIJ C . 1.47 -1.29 -5.65
N4 HIJ C . -0.83 -1.05 -5.79
O1 HIJ C . -5.45 -7.30 -4.71
O2 HIJ C . -7.47 -8.15 -4.83
O3 HIJ C . -6.56 -2.36 -3.44
O4 HIJ C . -3.26 -0.76 -3.08
#